data_1XA6
#
_entry.id   1XA6
#
_cell.length_a   131.090
_cell.length_b   131.090
_cell.length_c   288.750
_cell.angle_alpha   90.00
_cell.angle_beta   90.00
_cell.angle_gamma   120.00
#
_symmetry.space_group_name_H-M   'P 61 2 2'
#
loop_
_entity.id
_entity.type
_entity.pdbx_description
1 polymer Beta2-chimaerin
2 non-polymer 'ZINC ION'
#
_entity_poly.entity_id   1
_entity_poly.type   'polypeptide(L)'
_entity_poly.pdbx_seq_one_letter_code
;MRLLSSLSGSSVSSDAEEYQPPIWKSYLYQLQQEAPRPKRIICPREVENRPKYYGREFHGIISREQADELLGGVEGAYIL
RESQRQPGCYTLALRFGNQTLNYRLFHDGKHFVGEKRFESIHDLVTDGLITLYIETKAAEYISKMTTNPIYEHIGYATLL
REKVSRRLSRSKNEPRKTNVTHEEHTAVEKISSLVRRAALTHNDNHFNYEKTHNFKVHTFRGPHWCEYCANFMWGLIAQG
VRCSDCGLNVHKQCSKHVPNDCQPDLKRIKKVYCCDLTTLVKAHNTQRPMVVDICIREIEARGLKSEGLYRVSGFTEHIE
DVKMAFDRDGEKADISANVYPDINIITGALKLYFRDLPIPVITYDTYSKFIDAAKISNADERLEAVHEVLMLLPPAHYET
LRYLMIHLKKVTMNEKDNFMNAENLGIVFGPTLMRPPEDSTLTTLHDMRYQKLIVQILIENEDVLF
;
_entity_poly.pdbx_strand_id   A
#
# COMPACT_ATOMS: atom_id res chain seq x y z
N PRO A 21 6.71 -14.91 0.73
CA PRO A 21 5.65 -13.92 0.41
C PRO A 21 5.20 -13.15 1.66
N PRO A 22 4.70 -11.92 1.47
CA PRO A 22 4.22 -11.06 2.56
C PRO A 22 2.73 -11.27 2.85
N ILE A 23 2.37 -11.23 4.13
CA ILE A 23 0.97 -11.41 4.51
C ILE A 23 0.08 -10.54 3.65
N TRP A 24 0.53 -9.32 3.39
CA TRP A 24 -0.23 -8.38 2.59
C TRP A 24 0.07 -8.54 1.10
N LYS A 25 -0.84 -9.19 0.38
CA LYS A 25 -0.69 -9.42 -1.06
C LYS A 25 -0.78 -8.10 -1.81
N SER A 26 -0.06 -7.98 -2.93
CA SER A 26 -0.04 -6.71 -3.65
C SER A 26 -0.67 -6.70 -5.04
N TYR A 27 -1.30 -7.80 -5.43
CA TYR A 27 -1.85 -7.84 -6.78
C TYR A 27 -2.77 -6.68 -7.09
N LEU A 28 -3.84 -6.54 -6.31
CA LEU A 28 -4.80 -5.47 -6.53
C LEU A 28 -4.15 -4.11 -6.54
N TYR A 29 -3.46 -3.77 -5.45
CA TYR A 29 -2.77 -2.49 -5.34
C TYR A 29 -1.99 -2.29 -6.63
N GLN A 30 -1.23 -3.31 -7.00
CA GLN A 30 -0.44 -3.27 -8.22
C GLN A 30 -1.32 -2.85 -9.40
N LEU A 31 -2.51 -3.44 -9.49
CA LEU A 31 -3.45 -3.15 -10.57
C LEU A 31 -3.91 -1.71 -10.60
N GLN A 32 -4.63 -1.32 -9.56
CA GLN A 32 -5.15 0.04 -9.46
C GLN A 32 -4.18 1.07 -10.02
N GLN A 33 -2.90 0.86 -9.80
CA GLN A 33 -1.93 1.82 -10.30
C GLN A 33 -1.87 1.81 -11.82
N GLU A 34 -2.18 0.66 -12.42
CA GLU A 34 -2.16 0.50 -13.87
C GLU A 34 -3.45 1.04 -14.48
N ALA A 35 -4.52 1.02 -13.67
CA ALA A 35 -5.84 1.47 -14.07
C ALA A 35 -5.84 2.83 -14.78
N PRO A 36 -6.65 2.94 -15.84
CA PRO A 36 -6.80 4.15 -16.66
C PRO A 36 -7.54 5.24 -15.89
N ARG A 37 -7.15 6.49 -16.10
CA ARG A 37 -7.79 7.59 -15.39
C ARG A 37 -8.72 8.34 -16.32
N PRO A 38 -9.72 9.06 -15.76
CA PRO A 38 -10.70 9.84 -16.52
C PRO A 38 -9.94 10.66 -17.54
N LYS A 39 -9.66 10.01 -18.67
CA LYS A 39 -8.88 10.61 -19.75
C LYS A 39 -9.52 11.76 -20.51
N ARG A 40 -10.62 12.33 -20.01
CA ARG A 40 -11.21 13.46 -20.70
C ARG A 40 -12.51 14.01 -20.18
N ILE A 41 -12.48 15.24 -19.69
CA ILE A 41 -13.68 15.91 -19.24
C ILE A 41 -14.31 16.26 -20.59
N ILE A 42 -13.51 16.12 -21.64
CA ILE A 42 -13.89 16.39 -23.03
C ILE A 42 -15.10 17.31 -23.16
N CYS A 43 -14.88 18.58 -22.86
CA CYS A 43 -15.92 19.60 -22.89
C CYS A 43 -16.36 19.99 -24.31
N PRO A 44 -17.54 20.64 -24.41
CA PRO A 44 -18.15 21.10 -25.67
C PRO A 44 -17.64 22.46 -26.12
N ARG A 45 -18.07 22.87 -27.31
CA ARG A 45 -17.66 24.15 -27.86
C ARG A 45 -18.33 25.27 -27.06
N GLU A 46 -18.58 25.02 -25.78
CA GLU A 46 -19.21 25.99 -24.90
C GLU A 46 -20.62 26.32 -25.40
N VAL A 47 -21.41 25.29 -25.68
CA VAL A 47 -22.77 25.48 -26.16
C VAL A 47 -23.68 26.02 -25.07
N GLU A 48 -23.33 25.76 -23.82
CA GLU A 48 -24.11 26.24 -22.68
C GLU A 48 -25.57 25.81 -22.75
N ASN A 49 -25.85 24.59 -23.21
CA ASN A 49 -27.24 24.16 -23.32
C ASN A 49 -28.04 24.46 -22.05
N ARG A 50 -29.29 24.88 -22.23
CA ARG A 50 -30.16 25.24 -21.11
C ARG A 50 -30.48 24.11 -20.12
N PRO A 51 -31.33 23.14 -20.49
CA PRO A 51 -31.63 22.08 -19.52
C PRO A 51 -30.37 21.34 -19.08
N LYS A 52 -29.86 21.70 -17.90
CA LYS A 52 -28.65 21.11 -17.33
C LYS A 52 -28.19 21.95 -16.17
N TYR A 53 -27.92 21.34 -15.02
CA TYR A 53 -27.45 22.15 -13.89
C TYR A 53 -25.93 22.12 -13.71
N TYR A 54 -25.43 20.99 -13.20
CA TYR A 54 -24.01 20.78 -12.93
C TYR A 54 -23.24 20.05 -14.04
N GLY A 55 -22.24 20.74 -14.60
CA GLY A 55 -21.42 20.14 -15.63
C GLY A 55 -21.06 21.02 -16.82
N ARG A 56 -19.92 20.72 -17.42
CA ARG A 56 -19.41 21.41 -18.60
C ARG A 56 -18.91 20.26 -19.47
N GLU A 57 -19.14 19.06 -18.93
CA GLU A 57 -18.79 17.79 -19.55
C GLU A 57 -20.09 17.27 -20.11
N PHE A 58 -21.10 18.12 -20.05
CA PHE A 58 -22.42 17.77 -20.53
C PHE A 58 -22.64 18.30 -21.93
N HIS A 59 -22.71 17.41 -22.91
CA HIS A 59 -22.95 17.82 -24.28
C HIS A 59 -24.43 17.76 -24.62
N GLY A 60 -25.25 18.21 -23.68
CA GLY A 60 -26.69 18.21 -23.85
C GLY A 60 -27.26 16.96 -24.48
N ILE A 61 -28.13 17.15 -25.48
CA ILE A 61 -28.77 16.03 -26.15
C ILE A 61 -28.07 15.70 -27.45
N ILE A 62 -27.67 14.44 -27.61
CA ILE A 62 -27.01 14.03 -28.85
C ILE A 62 -27.14 12.53 -29.06
N SER A 63 -26.71 12.07 -30.24
CA SER A 63 -26.82 10.65 -30.59
C SER A 63 -25.62 9.83 -30.17
N ARG A 64 -25.85 8.54 -29.96
CA ARG A 64 -24.79 7.64 -29.56
C ARG A 64 -23.69 7.74 -30.61
N GLU A 65 -24.11 7.72 -31.87
CA GLU A 65 -23.19 7.81 -33.00
C GLU A 65 -22.34 9.07 -32.94
N GLN A 66 -22.93 10.16 -32.45
CA GLN A 66 -22.21 11.43 -32.36
C GLN A 66 -21.35 11.48 -31.10
N ALA A 67 -21.87 10.93 -30.01
CA ALA A 67 -21.13 10.91 -28.76
C ALA A 67 -19.82 10.16 -28.98
N ASP A 68 -19.93 8.90 -29.38
CA ASP A 68 -18.76 8.05 -29.63
C ASP A 68 -17.67 8.79 -30.41
N GLU A 69 -18.06 9.60 -31.38
CA GLU A 69 -17.10 10.36 -32.16
C GLU A 69 -16.30 11.26 -31.21
N LEU A 70 -17.02 11.96 -30.34
CA LEU A 70 -16.40 12.85 -29.38
C LEU A 70 -15.32 12.14 -28.58
N LEU A 71 -15.66 10.99 -28.01
CA LEU A 71 -14.70 10.20 -27.24
C LEU A 71 -13.67 9.62 -28.22
N GLY A 72 -14.11 8.61 -28.96
CA GLY A 72 -13.26 7.97 -29.95
C GLY A 72 -11.95 7.40 -29.46
N GLY A 73 -11.83 6.07 -29.52
CA GLY A 73 -10.62 5.40 -29.09
C GLY A 73 -10.21 5.66 -27.65
N VAL A 74 -9.58 6.82 -27.44
CA VAL A 74 -9.10 7.27 -26.12
C VAL A 74 -9.73 6.53 -24.94
N GLU A 75 -9.21 5.35 -24.64
CA GLU A 75 -9.74 4.58 -23.52
C GLU A 75 -9.61 5.42 -22.27
N GLY A 76 -10.75 5.75 -21.67
CA GLY A 76 -10.74 6.56 -20.47
C GLY A 76 -11.50 7.88 -20.59
N ALA A 77 -11.75 8.33 -21.81
CA ALA A 77 -12.47 9.58 -22.03
C ALA A 77 -13.94 9.34 -21.75
N TYR A 78 -14.59 10.33 -21.13
CA TYR A 78 -15.99 10.23 -20.78
C TYR A 78 -16.74 11.49 -21.14
N ILE A 79 -18.04 11.34 -21.39
CA ILE A 79 -18.88 12.48 -21.73
C ILE A 79 -20.29 12.27 -21.16
N LEU A 80 -21.04 13.35 -21.03
CA LEU A 80 -22.40 13.27 -20.50
C LEU A 80 -23.45 13.72 -21.53
N ARG A 81 -24.65 13.14 -21.46
CA ARG A 81 -25.70 13.50 -22.40
C ARG A 81 -27.12 13.22 -21.90
N GLU A 82 -28.10 13.82 -22.58
CA GLU A 82 -29.53 13.66 -22.25
C GLU A 82 -30.19 12.79 -23.31
N SER A 83 -31.31 12.18 -22.95
CA SER A 83 -32.05 11.30 -23.86
C SER A 83 -32.87 12.08 -24.88
N GLN A 84 -32.62 11.79 -26.15
CA GLN A 84 -33.35 12.48 -27.20
C GLN A 84 -34.85 12.18 -27.06
N ARG A 85 -35.18 11.09 -26.37
CA ARG A 85 -36.57 10.68 -26.16
C ARG A 85 -37.10 11.15 -24.79
N GLN A 86 -36.95 10.30 -23.76
CA GLN A 86 -37.41 10.63 -22.40
C GLN A 86 -36.55 11.73 -21.75
N PRO A 87 -37.15 12.90 -21.45
CA PRO A 87 -36.46 14.03 -20.83
C PRO A 87 -36.11 13.87 -19.36
N GLY A 88 -35.05 14.54 -18.93
CA GLY A 88 -34.60 14.48 -17.54
C GLY A 88 -33.80 13.21 -17.27
N CYS A 89 -33.49 12.49 -18.33
CA CYS A 89 -32.76 11.24 -18.24
C CYS A 89 -31.40 11.39 -18.87
N TYR A 90 -30.42 11.63 -18.01
CA TYR A 90 -29.04 11.81 -18.44
C TYR A 90 -28.33 10.50 -18.31
N THR A 91 -27.25 10.35 -19.07
CA THR A 91 -26.48 9.12 -19.04
C THR A 91 -25.00 9.36 -19.26
N LEU A 92 -24.16 8.63 -18.53
CA LEU A 92 -22.71 8.77 -18.66
C LEU A 92 -22.19 7.76 -19.66
N ALA A 93 -21.26 8.22 -20.50
CA ALA A 93 -20.67 7.37 -21.51
C ALA A 93 -19.15 7.54 -21.51
N LEU A 94 -18.44 6.55 -21.00
CA LEU A 94 -16.97 6.59 -20.94
C LEU A 94 -16.43 5.42 -21.73
N ARG A 95 -15.24 5.58 -22.31
CA ARG A 95 -14.64 4.51 -23.10
C ARG A 95 -13.81 3.55 -22.24
N PHE A 96 -13.90 2.27 -22.54
CA PHE A 96 -13.13 1.27 -21.83
C PHE A 96 -12.50 0.33 -22.85
N GLY A 97 -11.67 0.93 -23.71
CA GLY A 97 -10.96 0.24 -24.77
C GLY A 97 -11.78 -0.73 -25.59
N ASN A 98 -12.05 -1.88 -24.99
CA ASN A 98 -12.83 -2.92 -25.62
C ASN A 98 -14.02 -2.28 -26.34
N GLN A 99 -14.57 -1.21 -25.75
CA GLN A 99 -15.73 -0.54 -26.33
C GLN A 99 -16.13 0.77 -25.63
N THR A 100 -17.42 1.09 -25.70
CA THR A 100 -17.97 2.29 -25.06
C THR A 100 -19.11 1.91 -24.15
N LEU A 101 -19.12 2.44 -22.94
CA LEU A 101 -20.16 2.13 -21.98
C LEU A 101 -21.04 3.30 -21.58
N ASN A 102 -22.35 3.04 -21.54
CA ASN A 102 -23.34 4.03 -21.16
C ASN A 102 -23.78 3.55 -19.78
N TYR A 103 -23.87 4.45 -18.81
CA TYR A 103 -24.19 4.01 -17.45
C TYR A 103 -25.48 4.49 -16.78
N ARG A 104 -25.99 5.60 -17.29
CA ARG A 104 -27.18 6.28 -16.76
C ARG A 104 -26.57 7.33 -15.90
N LEU A 105 -27.13 7.64 -14.74
CA LEU A 105 -26.55 8.70 -13.90
C LEU A 105 -27.65 9.43 -13.18
N PHE A 106 -27.60 9.36 -11.86
CA PHE A 106 -28.60 9.98 -11.03
C PHE A 106 -28.01 11.12 -10.22
N HIS A 107 -28.66 11.48 -9.12
CA HIS A 107 -28.17 12.56 -8.27
C HIS A 107 -29.05 12.72 -7.02
N ASP A 108 -28.62 12.07 -5.96
CA ASP A 108 -29.28 12.04 -4.66
C ASP A 108 -28.58 13.10 -3.84
N GLY A 109 -28.55 14.32 -4.34
CA GLY A 109 -27.85 15.39 -3.64
C GLY A 109 -26.36 15.22 -3.88
N LYS A 110 -26.02 14.30 -4.79
CA LYS A 110 -24.64 14.00 -5.14
C LYS A 110 -24.60 12.93 -6.24
N HIS A 111 -23.86 13.23 -7.31
CA HIS A 111 -23.74 12.33 -8.46
C HIS A 111 -23.59 10.88 -8.08
N PHE A 112 -24.07 9.97 -8.94
CA PHE A 112 -23.92 8.56 -8.66
C PHE A 112 -24.56 7.61 -9.65
N VAL A 113 -23.74 6.66 -10.08
CA VAL A 113 -24.16 5.62 -11.00
C VAL A 113 -24.56 4.48 -10.10
N GLY A 114 -24.94 3.36 -10.69
CA GLY A 114 -25.37 2.20 -9.93
C GLY A 114 -25.02 2.12 -8.45
N GLU A 115 -24.11 1.20 -8.14
CA GLU A 115 -23.64 0.94 -6.78
C GLU A 115 -23.97 2.09 -5.83
N LYS A 116 -24.31 1.75 -4.60
CA LYS A 116 -24.65 2.77 -3.62
C LYS A 116 -23.45 3.70 -3.41
N ARG A 117 -22.80 4.04 -4.52
CA ARG A 117 -21.63 4.90 -4.57
C ARG A 117 -21.87 6.25 -3.92
N PHE A 118 -22.30 7.20 -4.74
CA PHE A 118 -22.59 8.56 -4.33
C PHE A 118 -21.27 9.29 -4.13
N GLU A 119 -20.92 10.12 -5.11
CA GLU A 119 -19.65 10.83 -5.13
C GLU A 119 -19.73 12.35 -5.39
N SER A 120 -18.98 12.80 -6.40
CA SER A 120 -18.94 14.22 -6.82
C SER A 120 -18.28 14.33 -8.20
N ILE A 121 -18.75 13.49 -9.13
CA ILE A 121 -18.30 13.40 -10.53
C ILE A 121 -16.80 13.27 -10.67
N HIS A 122 -16.37 12.66 -11.78
CA HIS A 122 -14.94 12.46 -12.01
C HIS A 122 -14.53 11.42 -10.97
N ASP A 123 -14.71 11.75 -9.69
CA ASP A 123 -14.43 10.81 -8.62
C ASP A 123 -15.12 9.56 -9.13
N LEU A 124 -16.33 9.77 -9.64
CA LEU A 124 -17.11 8.69 -10.20
C LEU A 124 -16.31 7.99 -11.26
N VAL A 125 -16.21 8.63 -12.43
CA VAL A 125 -15.47 8.03 -13.54
C VAL A 125 -14.18 7.37 -13.06
N THR A 126 -13.41 8.11 -12.27
CA THR A 126 -12.16 7.62 -11.71
C THR A 126 -12.37 6.27 -11.09
N ASP A 127 -13.08 6.28 -9.97
CA ASP A 127 -13.36 5.06 -9.24
C ASP A 127 -14.02 4.03 -10.13
N GLY A 128 -14.90 4.50 -11.00
CA GLY A 128 -15.60 3.60 -11.89
C GLY A 128 -14.63 2.88 -12.78
N LEU A 129 -13.74 3.64 -13.39
CA LEU A 129 -12.72 3.09 -14.27
C LEU A 129 -11.89 2.09 -13.49
N ILE A 130 -11.50 2.44 -12.26
CA ILE A 130 -10.74 1.53 -11.43
C ILE A 130 -11.51 0.22 -11.33
N THR A 131 -12.73 0.31 -10.83
CA THR A 131 -13.57 -0.86 -10.67
C THR A 131 -13.67 -1.65 -11.98
N LEU A 132 -13.48 -0.96 -13.10
CA LEU A 132 -13.54 -1.64 -14.38
C LEU A 132 -12.23 -2.39 -14.61
N TYR A 133 -11.14 -1.65 -14.70
CA TYR A 133 -9.83 -2.23 -14.94
C TYR A 133 -9.56 -3.45 -14.04
N ILE A 134 -9.84 -3.33 -12.75
CA ILE A 134 -9.60 -4.45 -11.85
C ILE A 134 -10.54 -5.59 -12.17
N GLU A 135 -11.84 -5.41 -11.90
CA GLU A 135 -12.82 -6.46 -12.14
C GLU A 135 -12.58 -7.20 -13.45
N THR A 136 -12.18 -6.49 -14.49
CA THR A 136 -11.91 -7.13 -15.77
C THR A 136 -10.78 -8.14 -15.59
N LYS A 137 -9.60 -7.64 -15.23
CA LYS A 137 -8.44 -8.52 -15.00
C LYS A 137 -8.61 -9.30 -13.71
N ALA A 138 -8.54 -10.61 -13.81
CA ALA A 138 -8.68 -11.49 -12.65
C ALA A 138 -9.86 -11.12 -11.73
N ALA A 139 -11.05 -11.47 -12.18
CA ALA A 139 -12.23 -11.23 -11.37
C ALA A 139 -12.35 -12.56 -10.64
N GLU A 140 -11.77 -13.58 -11.25
CA GLU A 140 -11.76 -14.94 -10.69
C GLU A 140 -11.00 -14.84 -9.39
N TYR A 141 -9.84 -14.21 -9.45
CA TYR A 141 -9.02 -14.05 -8.26
C TYR A 141 -9.81 -13.36 -7.17
N ILE A 142 -10.45 -12.26 -7.54
CA ILE A 142 -11.22 -11.49 -6.58
C ILE A 142 -12.32 -12.31 -5.91
N SER A 143 -12.68 -13.42 -6.53
CA SER A 143 -13.73 -14.30 -6.00
C SER A 143 -13.18 -15.29 -4.98
N LYS A 144 -12.00 -15.84 -5.29
CA LYS A 144 -11.36 -16.82 -4.43
C LYS A 144 -10.70 -16.20 -3.19
N MET A 145 -10.72 -14.88 -3.10
CA MET A 145 -10.12 -14.20 -1.95
C MET A 145 -10.69 -14.75 -0.67
N THR A 146 -11.95 -15.19 -0.72
CA THR A 146 -12.64 -15.74 0.44
C THR A 146 -12.06 -17.10 0.83
N THR A 147 -11.71 -17.88 -0.18
CA THR A 147 -11.14 -19.21 0.04
C THR A 147 -9.79 -19.01 0.73
N ASN A 148 -9.30 -20.05 1.38
CA ASN A 148 -8.01 -19.98 2.07
C ASN A 148 -7.81 -18.58 2.68
N PRO A 149 -8.70 -18.20 3.61
CA PRO A 149 -8.58 -16.89 4.25
C PRO A 149 -7.28 -16.78 5.02
N ILE A 150 -7.17 -15.77 5.86
CA ILE A 150 -5.97 -15.58 6.66
C ILE A 150 -6.31 -14.88 7.96
N TYR A 151 -7.54 -14.39 8.07
CA TYR A 151 -7.96 -13.69 9.27
C TYR A 151 -7.60 -14.45 10.54
N GLU A 152 -7.72 -15.78 10.50
CA GLU A 152 -7.42 -16.63 11.65
C GLU A 152 -6.20 -16.19 12.44
N HIS A 153 -5.08 -16.06 11.72
CA HIS A 153 -3.80 -15.66 12.32
C HIS A 153 -3.19 -14.40 11.71
N ILE A 154 -3.64 -13.24 12.15
CA ILE A 154 -3.12 -11.98 11.64
C ILE A 154 -2.64 -11.11 12.79
N GLY A 155 -3.34 -11.14 13.93
CA GLY A 155 -2.90 -10.33 15.05
C GLY A 155 -3.94 -9.92 16.07
N TYR A 156 -3.58 -10.10 17.35
CA TYR A 156 -4.44 -9.75 18.49
C TYR A 156 -5.73 -10.56 18.51
N ALA A 157 -5.98 -11.25 17.39
CA ALA A 157 -7.12 -12.14 17.23
C ALA A 157 -6.42 -13.49 17.34
N THR A 158 -5.17 -13.42 17.81
CA THR A 158 -4.29 -14.56 17.99
C THR A 158 -3.45 -14.34 19.25
N LEU A 159 -3.06 -13.08 19.47
CA LEU A 159 -2.25 -12.68 20.61
C LEU A 159 -3.03 -11.85 21.63
N LEU A 160 -2.37 -10.82 22.14
CA LEU A 160 -2.90 -9.84 23.09
C LEU A 160 -3.58 -10.43 24.34
N ARG A 161 -3.63 -9.60 25.38
CA ARG A 161 -4.25 -9.92 26.67
C ARG A 161 -3.73 -8.98 27.76
N TYR A 209 -16.91 -16.53 22.42
CA TYR A 209 -17.80 -15.83 23.34
C TYR A 209 -18.98 -15.21 22.60
N GLU A 210 -18.81 -15.00 21.30
CA GLU A 210 -19.85 -14.44 20.43
C GLU A 210 -20.24 -12.98 20.71
N LYS A 211 -20.33 -12.21 19.64
CA LYS A 211 -20.71 -10.81 19.65
C LYS A 211 -20.71 -10.38 18.18
N THR A 212 -21.70 -9.59 17.78
CA THR A 212 -21.82 -9.16 16.39
C THR A 212 -21.05 -7.89 16.03
N HIS A 213 -20.67 -7.81 14.75
CA HIS A 213 -19.94 -6.67 14.24
C HIS A 213 -20.86 -5.60 13.66
N ASN A 214 -20.74 -4.39 14.19
CA ASN A 214 -21.53 -3.27 13.70
C ASN A 214 -20.74 -2.66 12.55
N PHE A 215 -20.54 -3.44 11.49
CA PHE A 215 -19.81 -3.00 10.31
C PHE A 215 -20.42 -1.76 9.71
N LYS A 216 -19.59 -0.99 9.01
CA LYS A 216 -20.06 0.22 8.35
C LYS A 216 -19.16 0.52 7.16
N VAL A 217 -19.75 0.95 6.07
CA VAL A 217 -18.97 1.29 4.90
C VAL A 217 -18.01 2.37 5.38
N HIS A 218 -16.82 2.42 4.80
CA HIS A 218 -15.85 3.40 5.21
C HIS A 218 -14.91 3.75 4.07
N THR A 219 -14.58 5.03 3.97
CA THR A 219 -13.68 5.47 2.94
C THR A 219 -12.31 5.65 3.56
N PHE A 220 -11.37 4.81 3.14
CA PHE A 220 -10.02 4.84 3.67
C PHE A 220 -9.16 5.89 2.99
N ARG A 221 -8.48 6.69 3.80
CA ARG A 221 -7.59 7.72 3.29
C ARG A 221 -6.20 7.16 3.52
N GLY A 222 -5.69 6.44 2.51
CA GLY A 222 -4.38 5.81 2.62
C GLY A 222 -4.58 4.35 2.25
N PRO A 223 -3.62 3.73 1.54
CA PRO A 223 -3.86 2.33 1.19
C PRO A 223 -4.15 1.45 2.39
N HIS A 224 -5.26 0.72 2.33
CA HIS A 224 -5.60 -0.16 3.42
C HIS A 224 -5.87 -1.55 2.91
N TRP A 225 -5.67 -2.54 3.78
CA TRP A 225 -5.83 -3.93 3.35
C TRP A 225 -6.83 -4.69 4.24
N CYS A 226 -7.56 -5.60 3.63
CA CYS A 226 -8.56 -6.38 4.36
C CYS A 226 -7.94 -7.28 5.43
N GLU A 227 -8.22 -6.97 6.70
CA GLU A 227 -7.73 -7.80 7.79
C GLU A 227 -8.31 -9.22 7.69
N TYR A 228 -8.87 -9.57 6.54
CA TYR A 228 -9.46 -10.87 6.37
C TYR A 228 -8.76 -11.61 5.25
N CYS A 229 -9.01 -11.20 4.02
CA CYS A 229 -8.37 -11.85 2.88
C CYS A 229 -7.02 -11.21 2.69
N ALA A 230 -6.65 -10.38 3.66
CA ALA A 230 -5.38 -9.67 3.66
C ALA A 230 -5.03 -9.18 2.28
N ASN A 231 -6.03 -8.69 1.56
CA ASN A 231 -5.78 -8.19 0.24
C ASN A 231 -6.15 -6.73 0.13
N PHE A 232 -5.69 -6.09 -0.95
CA PHE A 232 -5.94 -4.68 -1.15
C PHE A 232 -7.38 -4.23 -1.31
N MET A 233 -7.75 -3.17 -0.58
CA MET A 233 -9.07 -2.59 -0.69
C MET A 233 -8.95 -1.46 -1.71
N TRP A 234 -9.22 -1.79 -2.97
CA TRP A 234 -9.11 -0.83 -4.05
C TRP A 234 -10.29 0.11 -4.08
N GLY A 235 -10.17 1.16 -4.88
CA GLY A 235 -11.23 2.12 -5.02
C GLY A 235 -10.87 3.48 -4.47
N LEU A 236 -11.51 4.51 -5.02
CA LEU A 236 -11.26 5.87 -4.61
C LEU A 236 -11.99 6.28 -3.33
N ILE A 237 -13.18 5.73 -3.11
CA ILE A 237 -13.93 6.07 -1.91
C ILE A 237 -14.82 4.89 -1.54
N ALA A 238 -14.97 3.96 -2.48
CA ALA A 238 -15.77 2.77 -2.23
C ALA A 238 -15.17 2.14 -0.98
N GLN A 239 -13.98 1.55 -1.17
CA GLN A 239 -13.14 0.87 -0.16
C GLN A 239 -13.65 -0.47 0.38
N GLY A 240 -14.22 -0.41 1.57
CA GLY A 240 -14.74 -1.58 2.24
C GLY A 240 -15.37 -1.10 3.53
N VAL A 241 -15.42 -1.94 4.56
CA VAL A 241 -16.04 -1.51 5.80
C VAL A 241 -15.17 -1.56 7.05
N ARG A 242 -15.43 -0.65 7.98
CA ARG A 242 -14.69 -0.59 9.24
C ARG A 242 -15.65 -0.67 10.43
N CYS A 243 -15.76 -1.85 11.02
CA CYS A 243 -16.64 -2.02 12.18
C CYS A 243 -16.50 -0.79 13.07
N SER A 244 -17.61 -0.36 13.65
CA SER A 244 -17.57 0.83 14.49
C SER A 244 -17.17 0.52 15.91
N ASP A 245 -17.48 -0.70 16.35
CA ASP A 245 -17.15 -1.09 17.71
C ASP A 245 -15.73 -1.63 17.88
N CYS A 246 -15.39 -2.71 17.17
CA CYS A 246 -14.06 -3.29 17.30
C CYS A 246 -12.95 -2.65 16.45
N GLY A 247 -13.29 -1.67 15.62
CA GLY A 247 -12.29 -1.02 14.80
C GLY A 247 -11.77 -1.77 13.59
N LEU A 248 -12.21 -3.03 13.40
CA LEU A 248 -11.77 -3.82 12.26
C LEU A 248 -11.91 -3.11 10.92
N ASN A 249 -11.24 -3.60 9.88
CA ASN A 249 -11.31 -3.00 8.55
C ASN A 249 -11.14 -4.10 7.52
N VAL A 250 -12.16 -4.33 6.71
CA VAL A 250 -12.09 -5.37 5.70
C VAL A 250 -12.95 -5.02 4.50
N HIS A 251 -12.93 -5.92 3.51
CA HIS A 251 -13.69 -5.78 2.29
C HIS A 251 -15.18 -5.84 2.59
N LYS A 252 -16.00 -5.28 1.69
CA LYS A 252 -17.45 -5.30 1.88
C LYS A 252 -17.88 -6.77 1.98
N GLN A 253 -17.56 -7.52 0.92
CA GLN A 253 -17.89 -8.93 0.84
C GLN A 253 -17.45 -9.64 2.12
N CYS A 254 -16.14 -9.80 2.27
CA CYS A 254 -15.56 -10.45 3.42
C CYS A 254 -16.33 -10.27 4.73
N SER A 255 -16.97 -9.11 4.90
CA SER A 255 -17.74 -8.85 6.09
C SER A 255 -18.73 -9.98 6.34
N LYS A 256 -19.24 -10.54 5.25
CA LYS A 256 -20.19 -11.63 5.33
C LYS A 256 -19.54 -12.88 5.89
N HIS A 257 -18.33 -13.18 5.42
CA HIS A 257 -17.59 -14.35 5.84
C HIS A 257 -16.85 -14.26 7.18
N VAL A 258 -16.64 -13.04 7.68
CA VAL A 258 -15.93 -12.88 8.93
C VAL A 258 -16.77 -13.26 10.16
N PRO A 259 -16.30 -14.25 10.93
CA PRO A 259 -16.98 -14.74 12.14
C PRO A 259 -17.33 -13.61 13.09
N ASN A 260 -18.23 -13.87 14.03
CA ASN A 260 -18.64 -12.83 14.96
C ASN A 260 -17.51 -12.36 15.87
N ASP A 261 -17.14 -13.17 16.85
CA ASP A 261 -16.07 -12.79 17.78
C ASP A 261 -16.08 -11.27 18.06
N CYS A 262 -15.06 -10.56 17.63
CA CYS A 262 -14.99 -9.12 17.84
C CYS A 262 -14.85 -8.71 19.30
N GLN A 263 -13.90 -7.83 19.57
CA GLN A 263 -13.67 -7.36 20.94
C GLN A 263 -13.55 -5.84 20.92
N PRO A 264 -14.68 -5.15 21.00
CA PRO A 264 -14.83 -3.68 21.00
C PRO A 264 -13.87 -2.84 21.85
N ASP A 265 -13.09 -3.48 22.71
CA ASP A 265 -12.15 -2.72 23.53
C ASP A 265 -10.78 -2.85 22.89
N LEU A 266 -10.69 -3.77 21.93
CA LEU A 266 -9.48 -4.05 21.17
C LEU A 266 -9.33 -2.99 20.09
N LYS A 267 -10.10 -1.92 20.23
CA LYS A 267 -10.07 -0.82 19.28
C LYS A 267 -9.16 0.27 19.83
N ARG A 268 -9.10 0.38 21.16
CA ARG A 268 -8.27 1.38 21.81
C ARG A 268 -6.82 1.22 21.39
N ILE A 269 -6.56 0.22 20.56
CA ILE A 269 -5.22 -0.08 20.11
C ILE A 269 -4.53 0.89 19.14
N LYS A 270 -4.95 0.92 17.88
CA LYS A 270 -4.31 1.80 16.91
C LYS A 270 -2.96 1.19 16.54
N LYS A 271 -3.02 0.26 15.62
CA LYS A 271 -1.86 -0.45 15.14
C LYS A 271 -0.90 0.44 14.35
N VAL A 272 0.40 0.27 14.61
CA VAL A 272 1.44 1.02 13.91
C VAL A 272 2.17 0.02 13.03
N TYR A 273 2.25 -1.21 13.51
CA TYR A 273 2.91 -2.26 12.75
C TYR A 273 1.89 -2.72 11.73
N CYS A 274 2.25 -2.62 10.46
CA CYS A 274 1.42 -3.07 9.35
C CYS A 274 0.68 -2.09 8.43
N CYS A 275 0.65 -0.80 8.75
CA CYS A 275 -0.01 0.10 7.81
C CYS A 275 0.99 0.83 6.92
N ASP A 276 0.61 1.11 5.69
CA ASP A 276 1.45 1.81 4.73
C ASP A 276 2.40 2.80 5.39
N LEU A 277 3.63 2.84 4.89
CA LEU A 277 4.64 3.72 5.45
C LEU A 277 4.22 5.17 5.43
N THR A 278 4.00 5.70 4.22
CA THR A 278 3.64 7.10 4.02
C THR A 278 2.47 7.54 4.85
N THR A 279 1.46 6.68 4.90
CA THR A 279 0.27 6.95 5.69
C THR A 279 0.60 7.10 7.18
N LEU A 280 1.32 6.13 7.74
CA LEU A 280 1.69 6.14 9.15
C LEU A 280 2.43 7.42 9.46
N VAL A 281 3.42 7.71 8.65
CA VAL A 281 4.21 8.90 8.85
C VAL A 281 3.33 10.13 8.85
N LYS A 282 2.62 10.33 7.75
CA LYS A 282 1.76 11.52 7.62
C LYS A 282 0.81 11.69 8.80
N ALA A 283 0.19 10.59 9.22
CA ALA A 283 -0.75 10.62 10.31
C ALA A 283 -0.12 10.95 11.66
N HIS A 284 1.10 10.47 11.88
CA HIS A 284 1.77 10.69 13.14
C HIS A 284 2.62 11.95 13.11
N ASN A 285 2.66 12.59 11.95
CA ASN A 285 3.43 13.81 11.81
C ASN A 285 4.92 13.56 12.05
N THR A 286 5.60 12.81 11.18
CA THR A 286 7.01 12.56 11.45
C THR A 286 8.03 12.10 10.42
N GLN A 287 7.81 12.23 9.12
CA GLN A 287 8.87 11.83 8.18
C GLN A 287 9.34 10.36 8.23
N ARG A 288 9.65 9.86 9.43
CA ARG A 288 10.14 8.48 9.65
C ARG A 288 9.33 7.75 10.72
N PRO A 289 8.93 6.50 10.45
CA PRO A 289 8.14 5.68 11.40
C PRO A 289 8.72 5.69 12.79
N MET A 290 7.94 6.16 13.74
CA MET A 290 8.38 6.24 15.13
C MET A 290 8.94 4.95 15.69
N VAL A 291 8.62 3.81 15.09
CA VAL A 291 9.19 2.56 15.57
C VAL A 291 10.64 2.62 15.11
N VAL A 292 10.86 2.54 13.80
CA VAL A 292 12.20 2.60 13.21
C VAL A 292 13.11 3.54 13.97
N ASP A 293 12.54 4.59 14.55
CA ASP A 293 13.32 5.56 15.29
C ASP A 293 13.72 4.99 16.64
N ILE A 294 12.73 4.75 17.49
CA ILE A 294 12.96 4.22 18.84
C ILE A 294 13.88 3.02 18.78
N CYS A 295 13.51 2.03 17.97
CA CYS A 295 14.29 0.81 17.82
C CYS A 295 15.76 1.14 17.73
N ILE A 296 16.14 1.73 16.62
CA ILE A 296 17.52 2.11 16.45
C ILE A 296 18.09 2.81 17.71
N ARG A 297 17.41 3.83 18.19
CA ARG A 297 17.88 4.51 19.39
C ARG A 297 18.46 3.46 20.33
N GLU A 298 17.64 2.53 20.79
CA GLU A 298 18.12 1.48 21.69
C GLU A 298 19.28 0.66 21.12
N ILE A 299 19.07 0.01 19.98
CA ILE A 299 20.14 -0.78 19.40
C ILE A 299 21.48 -0.04 19.47
N GLU A 300 21.46 1.26 19.24
CA GLU A 300 22.70 2.01 19.29
C GLU A 300 23.14 2.24 20.72
N ALA A 301 22.17 2.57 21.58
CA ALA A 301 22.46 2.78 22.99
C ALA A 301 23.19 1.55 23.51
N ARG A 302 22.54 0.40 23.37
CA ARG A 302 23.12 -0.87 23.80
C ARG A 302 23.99 -1.50 22.71
N GLY A 303 23.87 -2.81 22.62
CA GLY A 303 24.62 -3.62 21.68
C GLY A 303 24.94 -3.16 20.27
N LEU A 304 25.82 -2.18 20.14
CA LEU A 304 26.19 -1.77 18.80
C LEU A 304 27.37 -2.66 18.47
N LYS A 305 27.98 -3.18 19.53
CA LYS A 305 29.13 -4.06 19.42
C LYS A 305 28.77 -5.50 19.80
N SER A 306 27.49 -5.80 19.81
CA SER A 306 27.05 -7.16 20.10
C SER A 306 27.46 -7.93 18.84
N GLU A 307 27.65 -9.23 18.94
CA GLU A 307 28.09 -10.00 17.78
C GLU A 307 26.95 -10.40 16.88
N GLY A 308 27.21 -10.37 15.59
CA GLY A 308 26.22 -10.74 14.59
C GLY A 308 24.92 -9.94 14.51
N LEU A 309 25.00 -8.65 14.82
CA LEU A 309 23.84 -7.77 14.79
C LEU A 309 23.00 -7.92 13.54
N TYR A 310 21.69 -8.10 13.72
CA TYR A 310 20.77 -8.25 12.61
C TYR A 310 20.91 -9.57 11.84
N ARG A 311 21.88 -10.41 12.22
CA ARG A 311 22.02 -11.70 11.55
C ARG A 311 21.41 -12.71 12.51
N VAL A 312 21.83 -12.62 13.78
CA VAL A 312 21.30 -13.48 14.82
C VAL A 312 19.85 -13.14 15.06
N SER A 313 19.03 -14.15 15.34
CA SER A 313 17.62 -13.94 15.61
C SER A 313 17.34 -14.01 17.10
N GLY A 314 16.31 -13.30 17.55
CA GLY A 314 15.96 -13.31 18.95
C GLY A 314 14.74 -14.20 19.12
N PHE A 315 14.23 -14.31 20.34
CA PHE A 315 13.08 -15.15 20.58
C PHE A 315 11.92 -14.65 19.76
N THR A 316 11.60 -15.36 18.68
CA THR A 316 10.50 -14.93 17.83
C THR A 316 9.32 -14.47 18.70
N GLU A 317 8.84 -15.35 19.56
CA GLU A 317 7.73 -15.05 20.43
C GLU A 317 7.99 -13.88 21.37
N HIS A 318 9.18 -13.31 21.34
CA HIS A 318 9.49 -12.18 22.21
C HIS A 318 9.50 -10.93 21.36
N ILE A 319 9.75 -11.14 20.08
CA ILE A 319 9.74 -10.03 19.15
C ILE A 319 8.27 -9.62 19.08
N GLU A 320 7.39 -10.60 18.92
CA GLU A 320 5.95 -10.34 18.84
C GLU A 320 5.56 -9.43 20.00
N ASP A 321 6.10 -9.71 21.18
CA ASP A 321 5.80 -8.93 22.37
C ASP A 321 6.16 -7.46 22.18
N VAL A 322 7.27 -7.22 21.48
CA VAL A 322 7.72 -5.85 21.24
C VAL A 322 6.76 -5.17 20.32
N LYS A 323 6.61 -5.72 19.11
CA LYS A 323 5.68 -5.20 18.12
C LYS A 323 4.38 -4.83 18.85
N MET A 324 3.77 -5.85 19.44
CA MET A 324 2.53 -5.66 20.18
C MET A 324 2.66 -4.51 21.16
N ALA A 325 3.88 -4.15 21.50
CA ALA A 325 4.08 -3.05 22.42
C ALA A 325 3.99 -1.74 21.68
N PHE A 326 4.55 -1.68 20.47
CA PHE A 326 4.51 -0.45 19.70
C PHE A 326 3.07 -0.16 19.32
N ASP A 327 2.30 -1.20 19.04
CA ASP A 327 0.91 -1.01 18.71
C ASP A 327 0.22 -0.65 20.03
N ARG A 328 -0.04 0.64 20.22
CA ARG A 328 -0.65 1.14 21.46
C ARG A 328 0.15 0.57 22.61
N ASP A 329 -0.52 0.29 23.73
CA ASP A 329 0.13 -0.26 24.93
C ASP A 329 1.34 0.62 25.31
N GLY A 330 1.60 1.61 24.45
CA GLY A 330 2.72 2.50 24.65
C GLY A 330 2.95 3.27 23.36
N GLU A 331 2.74 2.59 22.24
CA GLU A 331 2.91 3.21 20.93
C GLU A 331 4.20 4.02 20.78
N LYS A 332 4.17 5.29 21.15
CA LYS A 332 5.34 6.16 21.07
C LYS A 332 6.16 5.97 22.34
N ALA A 333 5.54 5.36 23.33
CA ALA A 333 6.17 5.12 24.63
C ALA A 333 6.32 3.62 24.88
N ASP A 334 7.23 2.98 24.15
CA ASP A 334 7.43 1.54 24.27
C ASP A 334 8.40 1.05 25.34
N ILE A 335 9.53 0.47 24.91
CA ILE A 335 10.47 -0.02 25.90
C ILE A 335 11.90 -0.49 25.56
N SER A 336 12.69 -0.20 26.59
CA SER A 336 14.13 -0.36 26.84
C SER A 336 15.04 -1.53 26.57
N ALA A 337 16.08 -1.53 27.42
CA ALA A 337 17.21 -2.48 27.49
C ALA A 337 16.84 -3.73 28.28
N ASN A 338 16.43 -3.54 29.53
CA ASN A 338 15.99 -4.69 30.30
C ASN A 338 14.58 -4.92 29.77
N VAL A 339 13.76 -5.73 30.44
CA VAL A 339 12.42 -6.01 29.93
C VAL A 339 12.64 -6.87 28.70
N TYR A 340 13.50 -6.39 27.79
CA TYR A 340 13.89 -7.12 26.58
C TYR A 340 15.41 -7.03 26.47
N PRO A 341 16.15 -7.78 27.32
CA PRO A 341 17.62 -7.83 27.36
C PRO A 341 18.33 -8.30 26.09
N ASP A 342 17.87 -9.37 25.47
CA ASP A 342 18.54 -9.82 24.25
C ASP A 342 18.23 -8.81 23.15
N ILE A 343 19.14 -7.90 22.86
CA ILE A 343 18.83 -6.90 21.83
C ILE A 343 18.45 -7.51 20.48
N ASN A 344 18.84 -8.76 20.24
CA ASN A 344 18.47 -9.38 18.98
C ASN A 344 16.95 -9.39 18.82
N ILE A 345 16.26 -9.18 19.94
CA ILE A 345 14.82 -9.08 19.93
C ILE A 345 14.54 -7.81 19.11
N ILE A 346 14.90 -6.67 19.70
CA ILE A 346 14.75 -5.38 19.08
C ILE A 346 15.21 -5.42 17.63
N THR A 347 16.46 -5.81 17.40
CA THR A 347 16.95 -5.88 16.03
C THR A 347 15.95 -6.70 15.22
N GLY A 348 15.31 -7.65 15.91
CA GLY A 348 14.32 -8.49 15.25
C GLY A 348 13.07 -7.69 14.97
N ALA A 349 12.52 -7.12 16.03
CA ALA A 349 11.33 -6.29 15.91
C ALA A 349 11.50 -5.31 14.76
N LEU A 350 12.59 -4.56 14.77
CA LEU A 350 12.81 -3.61 13.69
C LEU A 350 12.77 -4.32 12.35
N LYS A 351 13.42 -5.46 12.25
CA LYS A 351 13.39 -6.15 10.97
C LYS A 351 11.94 -6.47 10.67
N LEU A 352 11.23 -6.90 11.72
CA LEU A 352 9.82 -7.26 11.61
C LEU A 352 9.05 -6.13 10.98
N TYR A 353 9.14 -4.96 11.62
CA TYR A 353 8.47 -3.77 11.13
C TYR A 353 8.62 -3.60 9.62
N PHE A 354 9.84 -3.70 9.11
CA PHE A 354 10.00 -3.52 7.67
C PHE A 354 9.29 -4.64 6.92
N ARG A 355 9.23 -5.79 7.56
CA ARG A 355 8.63 -6.97 6.96
C ARG A 355 7.12 -6.83 6.90
N ASP A 356 6.54 -6.17 7.91
CA ASP A 356 5.10 -5.98 7.99
C ASP A 356 4.51 -4.84 7.15
N LEU A 357 5.35 -4.03 6.51
CA LEU A 357 4.82 -2.95 5.68
C LEU A 357 4.07 -3.56 4.52
N PRO A 358 2.95 -2.95 4.11
CA PRO A 358 2.10 -3.42 3.01
C PRO A 358 2.87 -3.10 1.72
N ILE A 359 3.59 -1.99 1.75
CA ILE A 359 4.42 -1.64 0.62
C ILE A 359 5.83 -1.62 1.19
N PRO A 360 6.78 -2.26 0.49
CA PRO A 360 8.21 -2.38 0.85
C PRO A 360 8.89 -1.04 0.94
N VAL A 361 9.92 -0.96 1.77
CA VAL A 361 10.65 0.28 1.87
C VAL A 361 11.10 0.66 0.47
N ILE A 362 11.56 -0.32 -0.29
CA ILE A 362 12.05 -0.09 -1.65
C ILE A 362 10.94 0.03 -2.70
N THR A 363 9.69 -0.12 -2.27
CA THR A 363 8.51 -0.06 -3.15
C THR A 363 8.59 -1.13 -4.22
N TYR A 364 7.51 -1.26 -4.96
CA TYR A 364 7.46 -2.22 -6.02
C TYR A 364 7.78 -1.46 -7.29
N ASP A 365 7.07 -0.35 -7.51
CA ASP A 365 7.29 0.45 -8.71
C ASP A 365 8.77 0.81 -8.91
N THR A 366 9.60 0.51 -7.93
CA THR A 366 11.02 0.80 -8.05
C THR A 366 11.86 -0.46 -8.11
N TYR A 367 11.36 -1.52 -7.48
CA TYR A 367 12.05 -2.81 -7.46
C TYR A 367 12.76 -3.13 -8.76
N SER A 368 11.98 -3.19 -9.84
CA SER A 368 12.52 -3.48 -11.15
C SER A 368 13.74 -2.59 -11.45
N LYS A 369 13.52 -1.28 -11.49
CA LYS A 369 14.59 -0.34 -11.77
C LYS A 369 15.80 -0.41 -10.83
N PHE A 370 15.59 -0.81 -9.57
CA PHE A 370 16.71 -0.89 -8.65
C PHE A 370 17.60 -2.07 -9.01
N ILE A 371 17.04 -3.02 -9.74
CA ILE A 371 17.80 -4.19 -10.15
C ILE A 371 18.61 -3.80 -11.39
N ASP A 372 17.93 -3.24 -12.39
CA ASP A 372 18.59 -2.82 -13.61
C ASP A 372 19.74 -1.85 -13.34
N ALA A 373 20.15 -1.77 -12.08
CA ALA A 373 21.25 -0.90 -11.70
C ALA A 373 22.38 -1.77 -11.18
N ALA A 374 22.03 -2.75 -10.35
CA ALA A 374 23.02 -3.65 -9.78
C ALA A 374 23.51 -4.61 -10.86
N LYS A 375 23.32 -4.23 -12.12
CA LYS A 375 23.72 -5.05 -13.25
C LYS A 375 24.76 -4.37 -14.13
N ILE A 376 25.21 -3.18 -13.73
CA ILE A 376 26.19 -2.45 -14.53
C ILE A 376 27.62 -3.04 -14.51
N SER A 377 27.99 -3.67 -13.40
CA SER A 377 29.33 -4.25 -13.25
C SER A 377 30.41 -3.19 -13.10
N ASN A 378 30.20 -2.03 -13.73
CA ASN A 378 31.13 -0.92 -13.65
C ASN A 378 30.75 0.00 -12.50
N ALA A 379 31.22 -0.37 -11.30
CA ALA A 379 30.94 0.36 -10.06
C ALA A 379 30.84 1.88 -10.14
N ASP A 380 31.33 2.48 -11.22
CA ASP A 380 31.26 3.92 -11.37
C ASP A 380 29.85 4.34 -11.74
N GLU A 381 29.22 3.56 -12.61
CA GLU A 381 27.87 3.84 -13.06
C GLU A 381 26.82 3.27 -12.09
N ARG A 382 27.14 2.13 -11.47
CA ARG A 382 26.23 1.51 -10.50
C ARG A 382 25.69 2.61 -9.62
N LEU A 383 26.57 3.11 -8.75
CA LEU A 383 26.26 4.15 -7.81
C LEU A 383 25.39 5.25 -8.40
N GLU A 384 25.81 5.81 -9.53
CA GLU A 384 25.03 6.88 -10.15
C GLU A 384 23.68 6.37 -10.62
N ALA A 385 23.63 5.10 -11.01
CA ALA A 385 22.38 4.50 -11.45
C ALA A 385 21.48 4.45 -10.22
N VAL A 386 21.95 3.75 -9.20
CA VAL A 386 21.23 3.62 -7.94
C VAL A 386 20.66 4.98 -7.51
N HIS A 387 21.51 5.98 -7.43
CA HIS A 387 21.07 7.31 -7.05
C HIS A 387 19.85 7.69 -7.89
N GLU A 388 20.04 7.66 -9.21
CA GLU A 388 18.99 8.00 -10.16
C GLU A 388 17.62 7.51 -9.72
N VAL A 389 17.52 6.21 -9.44
CA VAL A 389 16.27 5.60 -9.02
C VAL A 389 15.98 5.84 -7.54
N LEU A 390 17.04 5.92 -6.73
CA LEU A 390 16.89 6.18 -5.30
C LEU A 390 16.06 7.45 -5.15
N MET A 391 16.06 8.23 -6.22
CA MET A 391 15.35 9.50 -6.24
C MET A 391 13.87 9.30 -6.60
N LEU A 392 13.57 8.22 -7.30
CA LEU A 392 12.19 7.96 -7.71
C LEU A 392 11.37 7.38 -6.57
N LEU A 393 11.96 7.33 -5.39
CA LEU A 393 11.28 6.80 -4.22
C LEU A 393 10.36 7.82 -3.55
N PRO A 394 9.24 7.33 -3.00
CA PRO A 394 8.30 8.20 -2.31
C PRO A 394 8.96 8.71 -1.04
N PRO A 395 8.82 10.02 -0.76
CA PRO A 395 9.39 10.68 0.42
C PRO A 395 9.55 9.75 1.61
N ALA A 396 8.43 9.35 2.19
CA ALA A 396 8.46 8.48 3.35
C ALA A 396 9.46 7.34 3.20
N HIS A 397 9.32 6.59 2.12
CA HIS A 397 10.22 5.49 1.89
C HIS A 397 11.66 5.96 1.94
N TYR A 398 12.00 6.88 1.03
CA TYR A 398 13.34 7.42 0.99
C TYR A 398 13.85 7.70 2.39
N GLU A 399 13.32 8.73 3.02
CA GLU A 399 13.72 9.10 4.36
C GLU A 399 13.91 7.93 5.33
N THR A 400 13.02 6.95 5.28
CA THR A 400 13.14 5.80 6.17
C THR A 400 14.38 5.02 5.76
N LEU A 401 14.52 4.77 4.48
CA LEU A 401 15.69 4.06 3.98
C LEU A 401 16.93 4.80 4.50
N ARG A 402 17.10 6.04 4.04
CA ARG A 402 18.22 6.89 4.45
C ARG A 402 18.67 6.62 5.88
N TYR A 403 17.76 6.83 6.81
CA TYR A 403 18.04 6.64 8.22
C TYR A 403 18.58 5.22 8.47
N LEU A 404 17.77 4.22 8.12
CA LEU A 404 18.17 2.83 8.29
C LEU A 404 19.15 2.52 7.21
N MET A 405 20.29 3.16 7.27
CA MET A 405 21.33 2.96 6.28
C MET A 405 22.36 3.90 6.84
N ILE A 406 22.50 3.82 8.16
CA ILE A 406 23.41 4.61 8.94
C ILE A 406 23.37 3.90 10.30
N HIS A 407 22.31 4.14 11.06
CA HIS A 407 22.15 3.53 12.39
C HIS A 407 21.98 2.03 12.15
N LEU A 408 22.59 1.73 10.98
CA LEU A 408 22.77 0.47 10.27
C LEU A 408 24.24 0.46 9.73
N LYS A 409 24.57 1.39 8.83
CA LYS A 409 25.94 1.51 8.31
C LYS A 409 26.97 1.93 9.38
N LYS A 410 26.52 2.31 10.56
CA LYS A 410 27.45 2.67 11.62
C LYS A 410 27.83 1.30 12.19
N VAL A 411 27.04 0.30 11.85
CA VAL A 411 27.32 -1.05 12.30
C VAL A 411 28.50 -1.54 11.50
N THR A 412 28.62 -1.09 10.25
CA THR A 412 29.73 -1.50 9.42
C THR A 412 31.00 -1.01 10.12
N MET A 413 30.94 0.18 10.71
CA MET A 413 32.07 0.71 11.44
C MET A 413 32.10 -0.02 12.79
N ASN A 414 32.29 -1.34 12.76
CA ASN A 414 32.35 -2.12 13.99
C ASN A 414 32.47 -3.62 13.80
N GLU A 415 32.72 -4.06 12.57
CA GLU A 415 32.83 -5.50 12.33
C GLU A 415 33.97 -6.14 13.09
N LYS A 416 34.70 -5.32 13.84
CA LYS A 416 35.82 -5.80 14.64
C LYS A 416 35.21 -6.22 15.97
N ASP A 417 33.90 -6.08 16.09
CA ASP A 417 33.22 -6.45 17.32
C ASP A 417 31.88 -7.15 17.10
N ASN A 418 31.31 -7.01 15.89
CA ASN A 418 30.03 -7.66 15.61
C ASN A 418 30.05 -8.52 14.37
N PHE A 419 31.16 -8.49 13.64
CA PHE A 419 31.34 -9.29 12.43
C PHE A 419 30.42 -8.95 11.29
N MET A 420 29.64 -7.88 11.44
CA MET A 420 28.71 -7.50 10.39
C MET A 420 29.28 -6.41 9.51
N ASN A 421 29.11 -6.53 8.20
CA ASN A 421 29.60 -5.53 7.25
C ASN A 421 28.58 -5.28 6.14
N ALA A 422 28.92 -4.43 5.17
CA ALA A 422 28.01 -4.16 4.07
C ALA A 422 27.51 -5.49 3.50
N GLU A 423 28.28 -6.09 2.60
CA GLU A 423 27.94 -7.36 1.99
C GLU A 423 27.19 -8.25 2.99
N ASN A 424 27.71 -8.27 4.22
CA ASN A 424 27.16 -9.04 5.31
C ASN A 424 25.68 -8.69 5.54
N LEU A 425 25.43 -7.46 5.97
CA LEU A 425 24.08 -6.98 6.22
C LEU A 425 23.24 -6.98 4.94
N GLY A 426 23.86 -6.56 3.84
CA GLY A 426 23.18 -6.54 2.56
C GLY A 426 22.42 -7.83 2.34
N ILE A 427 22.78 -8.86 3.09
CA ILE A 427 22.11 -10.14 2.99
C ILE A 427 20.87 -10.08 3.85
N VAL A 428 21.07 -9.96 5.16
CA VAL A 428 19.97 -9.90 6.09
C VAL A 428 18.85 -8.89 5.74
N PHE A 429 19.17 -7.85 4.97
CA PHE A 429 18.15 -6.86 4.64
C PHE A 429 17.58 -6.95 3.23
N GLY A 430 18.45 -7.13 2.24
CA GLY A 430 18.00 -7.22 0.85
C GLY A 430 16.60 -7.79 0.69
N PRO A 431 16.36 -9.03 1.16
CA PRO A 431 15.09 -9.75 1.10
C PRO A 431 13.91 -9.06 1.75
N THR A 432 14.14 -8.28 2.81
CA THR A 432 13.03 -7.60 3.47
C THR A 432 12.82 -6.15 3.00
N LEU A 433 13.90 -5.43 2.75
CA LEU A 433 13.76 -4.05 2.30
C LEU A 433 13.34 -4.03 0.84
N MET A 434 13.13 -5.20 0.26
CA MET A 434 12.72 -5.29 -1.14
C MET A 434 11.82 -6.50 -1.34
N ARG A 435 10.97 -6.42 -2.36
CA ARG A 435 10.07 -7.51 -2.66
C ARG A 435 9.72 -7.45 -4.13
N PRO A 436 9.56 -8.62 -4.76
CA PRO A 436 9.21 -8.71 -6.19
C PRO A 436 7.71 -8.54 -6.43
N PRO A 437 7.33 -7.88 -7.53
CA PRO A 437 5.90 -7.68 -7.81
C PRO A 437 5.19 -9.04 -7.91
N GLU A 438 5.96 -10.04 -8.34
CA GLU A 438 5.48 -11.42 -8.50
C GLU A 438 4.58 -11.62 -9.74
N ASP A 439 4.03 -12.83 -9.88
CA ASP A 439 3.18 -13.21 -11.01
C ASP A 439 4.00 -13.31 -12.29
N SER A 440 5.32 -13.42 -12.13
CA SER A 440 6.27 -13.55 -13.23
C SER A 440 7.51 -14.27 -12.70
N THR A 441 7.28 -15.11 -11.68
CA THR A 441 8.34 -15.87 -11.03
C THR A 441 9.05 -16.89 -11.93
N LEU A 442 10.32 -16.60 -12.21
CA LEU A 442 11.17 -17.46 -13.04
C LEU A 442 12.58 -16.91 -12.87
N THR A 443 12.78 -15.68 -13.34
CA THR A 443 14.07 -15.00 -13.24
C THR A 443 14.10 -14.32 -11.88
N THR A 444 12.94 -14.26 -11.24
CA THR A 444 12.80 -13.65 -9.92
C THR A 444 13.84 -14.19 -8.94
N LEU A 445 14.16 -15.47 -9.10
CA LEU A 445 15.14 -16.11 -8.23
C LEU A 445 16.54 -15.75 -8.69
N HIS A 446 16.67 -15.43 -9.98
CA HIS A 446 17.95 -15.05 -10.55
C HIS A 446 18.22 -13.58 -10.24
N ASP A 447 17.32 -12.98 -9.47
CA ASP A 447 17.43 -11.57 -9.09
C ASP A 447 17.70 -11.41 -7.60
N MET A 448 17.10 -12.28 -6.79
CA MET A 448 17.28 -12.24 -5.33
C MET A 448 18.71 -11.81 -4.97
N ARG A 449 19.67 -12.24 -5.77
CA ARG A 449 21.06 -11.89 -5.53
C ARG A 449 21.19 -10.38 -5.43
N TYR A 450 20.95 -9.72 -6.55
CA TYR A 450 21.05 -8.28 -6.68
C TYR A 450 20.38 -7.50 -5.54
N GLN A 451 19.31 -8.05 -4.99
CA GLN A 451 18.63 -7.39 -3.88
C GLN A 451 19.66 -7.14 -2.79
N LYS A 452 20.22 -8.24 -2.28
CA LYS A 452 21.24 -8.16 -1.24
C LYS A 452 22.34 -7.21 -1.66
N LEU A 453 22.65 -7.20 -2.95
CA LEU A 453 23.70 -6.30 -3.42
C LEU A 453 23.26 -4.88 -3.16
N ILE A 454 22.20 -4.47 -3.84
CA ILE A 454 21.65 -3.12 -3.69
C ILE A 454 21.81 -2.63 -2.26
N VAL A 455 21.18 -3.34 -1.33
CA VAL A 455 21.26 -2.98 0.08
C VAL A 455 22.71 -2.76 0.51
N GLN A 456 23.54 -3.76 0.29
CA GLN A 456 24.96 -3.69 0.64
C GLN A 456 25.55 -2.40 0.06
N ILE A 457 25.29 -2.16 -1.22
CA ILE A 457 25.79 -0.97 -1.90
C ILE A 457 25.32 0.30 -1.20
N LEU A 458 24.05 0.34 -0.81
CA LEU A 458 23.50 1.50 -0.12
C LEU A 458 24.17 1.71 1.21
N ILE A 459 24.48 0.60 1.88
CA ILE A 459 25.14 0.69 3.19
C ILE A 459 26.59 1.14 3.03
N GLU A 460 27.22 0.73 1.94
CA GLU A 460 28.61 1.09 1.66
C GLU A 460 28.76 2.58 1.36
N ASN A 461 28.20 2.99 0.22
CA ASN A 461 28.27 4.38 -0.21
C ASN A 461 27.19 5.22 0.45
N GLU A 462 26.89 4.87 1.69
CA GLU A 462 25.87 5.58 2.46
C GLU A 462 25.99 7.09 2.33
N ASP A 463 27.08 7.66 2.83
CA ASP A 463 27.24 9.10 2.76
C ASP A 463 27.77 9.59 1.43
N VAL A 464 26.90 9.53 0.42
CA VAL A 464 27.19 9.96 -0.94
C VAL A 464 25.84 10.07 -1.62
N LEU A 465 24.94 9.18 -1.22
CA LEU A 465 23.57 9.09 -1.77
C LEU A 465 22.56 9.87 -0.94
N PHE A 466 22.81 9.97 0.37
CA PHE A 466 21.94 10.72 1.27
C PHE A 466 22.61 10.87 2.63
#